data_3AKM
#
_entry.id   3AKM
#
_cell.length_a   51.020
_cell.length_b   79.011
_cell.length_c   63.240
_cell.angle_alpha   90.00
_cell.angle_beta   94.48
_cell.angle_gamma   90.00
#
_symmetry.space_group_name_H-M   'P 1 21 1'
#
loop_
_entity.id
_entity.type
_entity.pdbx_description
1 polymer 'Fatty acid-binding protein, intestinal'
2 non-polymer '11-({[5-(dimethylamino)naphthalen-1-yl]sulfonyl}amino)undecanoic acid'
3 non-polymer 'MAGNESIUM ION'
4 water water
#
_entity_poly.entity_id   1
_entity_poly.type   'polypeptide(L)'
_entity_poly.pdbx_seq_one_letter_code
;AFDSTWKVDRSENYDKFMEKMGVNIVKRKLAAHDNLKLTITQEGNKFTVKESSAFRNIEVVFELGVTFNYNLADGTELRG
TWSLEGNKLIGKFKRTDNGNELNTVREIIGDELVQTYVYEGVEAKRIFKKD
;
_entity_poly.pdbx_strand_id   A,B,C,D
#
# COMPACT_ATOMS: atom_id res chain seq x y z
N ALA A 1 -4.17 -0.51 -28.02
CA ALA A 1 -3.04 -0.79 -28.97
C ALA A 1 -1.81 -1.21 -28.16
N PHE A 2 -1.38 -0.30 -27.31
CA PHE A 2 -0.43 -0.60 -26.25
C PHE A 2 -1.09 -1.31 -25.09
N ASP A 3 -2.41 -1.22 -25.03
CA ASP A 3 -3.17 -1.71 -23.91
C ASP A 3 -3.19 -3.26 -23.85
N SER A 4 -2.36 -3.83 -22.98
CA SER A 4 -2.17 -5.27 -22.94
C SER A 4 -1.13 -5.61 -21.88
N THR A 5 -0.88 -6.90 -21.68
CA THR A 5 0.21 -7.43 -20.84
C THR A 5 1.30 -7.97 -21.70
N TRP A 6 2.49 -7.44 -21.52
CA TRP A 6 3.60 -7.69 -22.37
C TRP A 6 4.75 -8.28 -21.56
N LYS A 7 5.34 -9.35 -22.06
CA LYS A 7 6.45 -10.02 -21.33
C LYS A 7 7.64 -9.97 -22.23
N VAL A 8 8.76 -9.49 -21.71
CA VAL A 8 9.92 -9.31 -22.53
C VAL A 8 10.25 -10.68 -23.19
N ASP A 9 10.63 -10.64 -24.48
CA ASP A 9 11.01 -11.81 -25.25
C ASP A 9 12.51 -11.83 -25.57
N ARG A 10 13.04 -10.68 -25.97
CA ARG A 10 14.45 -10.56 -26.35
C ARG A 10 14.89 -9.13 -26.31
N SER A 11 16.19 -8.89 -26.28
CA SER A 11 16.69 -7.53 -26.22
C SER A 11 17.87 -7.43 -27.11
N GLU A 12 18.19 -6.20 -27.50
CA GLU A 12 19.32 -5.90 -28.42
C GLU A 12 20.15 -4.81 -27.75
N ASN A 13 21.45 -5.09 -27.56
CA ASN A 13 22.43 -4.11 -27.05
C ASN A 13 22.10 -3.55 -25.64
N TYR A 14 21.33 -4.31 -24.89
CA TYR A 14 20.85 -3.84 -23.63
C TYR A 14 21.99 -3.78 -22.59
N ASP A 15 22.95 -4.72 -22.64
CA ASP A 15 24.13 -4.67 -21.77
C ASP A 15 24.93 -3.34 -21.89
N LYS A 16 25.27 -2.94 -23.10
CA LYS A 16 25.97 -1.67 -23.31
C LYS A 16 25.11 -0.50 -22.85
N PHE A 17 23.80 -0.59 -23.09
CA PHE A 17 22.91 0.45 -22.66
C PHE A 17 22.97 0.58 -21.14
N MET A 18 22.74 -0.53 -20.46
CA MET A 18 22.82 -0.57 -18.99
C MET A 18 24.18 -0.07 -18.51
N GLU A 19 25.26 -0.50 -19.14
CA GLU A 19 26.60 -0.09 -18.68
C GLU A 19 26.81 1.44 -18.77
N LYS A 20 26.29 2.01 -19.86
CA LYS A 20 26.29 3.45 -20.04
C LYS A 20 25.45 4.18 -18.99
N MET A 21 24.37 3.54 -18.55
CA MET A 21 23.49 4.10 -17.54
C MET A 21 24.06 3.99 -16.17
N GLY A 22 25.17 3.25 -16.01
CA GLY A 22 25.90 3.21 -14.74
C GLY A 22 25.69 1.90 -14.00
N VAL A 23 24.97 0.96 -14.59
CA VAL A 23 24.59 -0.27 -13.89
C VAL A 23 25.81 -1.17 -13.78
N ASN A 24 26.08 -1.64 -12.57
CA ASN A 24 27.29 -2.43 -12.31
C ASN A 24 27.15 -3.78 -12.97
N ILE A 25 28.28 -4.44 -13.23
CA ILE A 25 28.24 -5.69 -13.97
C ILE A 25 27.41 -6.79 -13.25
N VAL A 26 27.24 -6.71 -11.93
CA VAL A 26 26.41 -7.71 -11.21
C VAL A 26 24.93 -7.53 -11.51
N LYS A 27 24.44 -6.28 -11.53
CA LYS A 27 23.03 -6.11 -11.80
C LYS A 27 22.82 -6.23 -13.31
N ARG A 28 23.82 -5.90 -14.13
CA ARG A 28 23.65 -6.18 -15.58
C ARG A 28 23.43 -7.68 -15.77
N LYS A 29 24.20 -8.50 -15.09
CA LYS A 29 24.00 -9.95 -15.28
C LYS A 29 22.58 -10.35 -14.94
N LEU A 30 22.07 -9.93 -13.78
CA LEU A 30 20.69 -10.14 -13.32
C LEU A 30 19.64 -9.62 -14.30
N ALA A 31 19.91 -8.43 -14.81
CA ALA A 31 18.99 -7.69 -15.70
C ALA A 31 18.77 -8.44 -17.02
N ALA A 32 19.81 -9.14 -17.47
CA ALA A 32 19.67 -10.01 -18.65
C ALA A 32 18.56 -11.01 -18.48
N HIS A 33 18.08 -11.17 -17.23
CA HIS A 33 17.16 -12.20 -16.85
C HIS A 33 16.00 -11.64 -16.01
N ASP A 34 15.64 -10.38 -16.26
CA ASP A 34 14.74 -9.68 -15.35
C ASP A 34 13.31 -10.11 -15.49
N ASN A 35 12.93 -10.75 -16.61
CA ASN A 35 11.58 -11.26 -16.77
C ASN A 35 10.50 -10.18 -16.72
N LEU A 36 10.88 -9.01 -17.22
CA LEU A 36 10.05 -7.83 -17.25
C LEU A 36 8.74 -8.06 -17.93
N LYS A 37 7.71 -7.80 -17.18
CA LYS A 37 6.34 -7.89 -17.64
C LYS A 37 5.81 -6.46 -17.54
N LEU A 38 5.26 -5.91 -18.62
CA LEU A 38 4.50 -4.66 -18.58
C LEU A 38 3.00 -4.90 -18.78
N THR A 39 2.19 -4.53 -17.82
CA THR A 39 0.73 -4.53 -17.96
C THR A 39 0.28 -3.06 -18.12
N ILE A 40 -0.13 -2.70 -19.33
CA ILE A 40 -0.48 -1.32 -19.73
C ILE A 40 -2.00 -1.17 -19.92
N THR A 41 -2.57 -0.25 -19.15
CA THR A 41 -3.96 0.12 -19.30
C THR A 41 -4.07 1.60 -19.71
N GLN A 42 -4.93 1.89 -20.72
CA GLN A 42 -5.15 3.24 -21.19
C GLN A 42 -6.62 3.67 -20.98
N GLU A 43 -6.83 4.86 -20.41
CA GLU A 43 -8.11 5.52 -20.46
C GLU A 43 -7.85 6.91 -21.02
N GLY A 44 -8.55 7.26 -22.09
CA GLY A 44 -8.19 8.46 -22.85
C GLY A 44 -6.68 8.69 -22.83
N ASN A 45 -6.27 9.71 -22.07
CA ASN A 45 -4.88 10.11 -21.97
C ASN A 45 -4.17 9.57 -20.71
N LYS A 46 -4.90 8.93 -19.81
CA LYS A 46 -4.34 8.44 -18.52
C LYS A 46 -3.94 6.99 -18.69
N PHE A 47 -2.67 6.68 -18.41
CA PHE A 47 -2.13 5.34 -18.59
C PHE A 47 -1.68 4.81 -17.22
N THR A 48 -1.96 3.54 -16.97
CA THR A 48 -1.37 2.85 -15.82
C THR A 48 -0.47 1.74 -16.35
N VAL A 49 0.78 1.74 -15.91
CA VAL A 49 1.73 0.68 -16.25
C VAL A 49 2.30 -0.06 -15.04
N LYS A 50 1.93 -1.32 -14.90
CA LYS A 50 2.46 -2.17 -13.86
C LYS A 50 3.68 -2.90 -14.42
N GLU A 51 4.85 -2.55 -13.90
CA GLU A 51 6.11 -3.13 -14.30
C GLU A 51 6.46 -4.18 -13.24
N SER A 52 6.57 -5.44 -13.69
CA SER A 52 6.99 -6.57 -12.84
C SER A 52 8.18 -7.27 -13.40
N SER A 53 9.20 -7.45 -12.55
CA SER A 53 10.47 -7.99 -12.96
C SER A 53 11.09 -8.74 -11.75
N ALA A 54 12.22 -9.43 -11.96
CA ALA A 54 12.98 -10.07 -10.82
C ALA A 54 13.58 -9.03 -9.83
N PHE A 55 13.60 -7.74 -10.19
CA PHE A 55 13.95 -6.64 -9.24
C PHE A 55 12.79 -6.07 -8.37
N ARG A 56 11.61 -5.89 -8.93
CA ARG A 56 10.53 -5.16 -8.26
C ARG A 56 9.15 -5.27 -8.96
N ASN A 57 8.10 -4.87 -8.25
CA ASN A 57 6.76 -4.85 -8.78
C ASN A 57 6.13 -3.48 -8.49
N ILE A 58 6.18 -2.58 -9.48
CA ILE A 58 5.69 -1.19 -9.25
C ILE A 58 4.59 -0.84 -10.23
N GLU A 59 3.86 0.23 -9.89
CA GLU A 59 2.84 0.79 -10.77
C GLU A 59 3.14 2.24 -11.04
N VAL A 60 3.10 2.64 -12.31
CA VAL A 60 3.39 4.00 -12.67
C VAL A 60 2.15 4.45 -13.37
N VAL A 61 1.65 5.61 -12.95
CA VAL A 61 0.46 6.22 -13.53
C VAL A 61 0.95 7.54 -14.10
N PHE A 62 0.62 7.79 -15.36
CA PHE A 62 0.94 9.04 -16.02
C PHE A 62 -0.12 9.50 -16.94
N GLU A 63 -0.08 10.81 -17.22
CA GLU A 63 -0.90 11.46 -18.28
C GLU A 63 0.01 11.88 -19.41
N LEU A 64 -0.46 11.72 -20.65
CA LEU A 64 0.24 12.21 -21.81
C LEU A 64 0.62 13.66 -21.61
N GLY A 65 1.88 13.94 -21.85
CA GLY A 65 2.40 15.29 -21.77
C GLY A 65 2.28 15.98 -20.44
N VAL A 66 2.30 15.24 -19.32
CA VAL A 66 2.33 15.88 -18.04
C VAL A 66 3.55 15.29 -17.42
N THR A 67 4.53 16.15 -17.12
CA THR A 67 5.83 15.72 -16.62
C THR A 67 5.72 15.05 -15.25
N PHE A 68 6.38 13.91 -15.13
CA PHE A 68 6.32 13.12 -13.90
C PHE A 68 7.71 12.58 -13.52
N ASN A 69 7.82 12.07 -12.31
CA ASN A 69 9.05 11.51 -11.83
C ASN A 69 8.90 9.99 -11.73
N TYR A 70 9.96 9.31 -12.10
CA TYR A 70 10.01 7.87 -12.09
C TYR A 70 11.40 7.46 -11.61
N ASN A 71 11.45 6.63 -10.60
CA ASN A 71 12.70 6.10 -10.16
C ASN A 71 13.04 4.79 -10.83
N LEU A 72 14.22 4.72 -11.44
CA LEU A 72 14.73 3.47 -11.96
C LEU A 72 15.04 2.47 -10.79
N ALA A 73 15.32 1.22 -11.13
CA ALA A 73 15.53 0.12 -10.19
C ALA A 73 16.69 0.33 -9.21
N ASP A 74 17.61 1.23 -9.51
CA ASP A 74 18.70 1.56 -8.62
C ASP A 74 18.48 2.86 -7.89
N GLY A 75 17.24 3.33 -7.89
CA GLY A 75 16.90 4.57 -7.30
C GLY A 75 17.29 5.83 -8.09
N THR A 76 17.85 5.69 -9.32
CA THR A 76 18.13 6.86 -10.18
C THR A 76 16.84 7.51 -10.58
N GLU A 77 16.73 8.81 -10.34
CA GLU A 77 15.49 9.50 -10.64
C GLU A 77 15.46 9.98 -12.12
N LEU A 78 14.34 9.73 -12.78
CA LEU A 78 14.08 10.32 -14.10
C LEU A 78 12.99 11.31 -13.92
N ARG A 79 13.06 12.42 -14.69
CA ARG A 79 11.94 13.35 -14.78
C ARG A 79 11.58 13.55 -16.26
N GLY A 80 10.31 13.44 -16.62
CA GLY A 80 9.92 13.57 -18.02
C GLY A 80 8.53 13.23 -18.42
N THR A 81 8.26 13.11 -19.73
CA THR A 81 6.92 12.91 -20.22
C THR A 81 6.91 11.79 -21.27
N TRP A 82 5.77 11.15 -21.32
CA TRP A 82 5.38 10.37 -22.47
C TRP A 82 4.40 11.20 -23.31
N SER A 83 4.52 11.02 -24.62
CA SER A 83 3.65 11.65 -25.59
C SER A 83 3.17 10.66 -26.64
N LEU A 84 2.05 10.97 -27.32
CA LEU A 84 1.63 10.22 -28.53
C LEU A 84 2.02 10.95 -29.80
N GLU A 85 2.75 10.24 -30.65
CA GLU A 85 3.25 10.75 -31.92
C GLU A 85 2.75 9.74 -32.93
N GLY A 86 1.67 10.08 -33.62
CA GLY A 86 1.08 9.14 -34.55
C GLY A 86 0.65 7.93 -33.78
N ASN A 87 1.30 6.81 -34.10
CA ASN A 87 1.05 5.52 -33.47
C ASN A 87 1.99 5.15 -32.28
N LYS A 88 2.97 6.03 -31.97
CA LYS A 88 4.07 5.71 -31.04
C LYS A 88 3.89 6.47 -29.74
N LEU A 89 4.33 5.88 -28.64
CA LEU A 89 4.56 6.60 -27.42
C LEU A 89 5.99 7.09 -27.42
N ILE A 90 6.16 8.37 -27.16
CA ILE A 90 7.46 8.91 -27.18
C ILE A 90 7.77 9.35 -25.76
N GLY A 91 8.84 8.80 -25.18
CA GLY A 91 9.33 9.15 -23.83
C GLY A 91 10.55 10.04 -23.86
N LYS A 92 10.43 11.22 -23.26
CA LYS A 92 11.54 12.13 -23.14
C LYS A 92 11.75 12.40 -21.65
N PHE A 93 12.80 11.82 -21.12
CA PHE A 93 13.15 11.94 -19.72
C PHE A 93 14.55 12.51 -19.58
N LYS A 94 14.82 13.11 -18.42
CA LYS A 94 16.17 13.41 -18.01
C LYS A 94 16.43 12.77 -16.63
N ARG A 95 17.64 12.31 -16.43
CA ARG A 95 18.09 11.96 -15.11
C ARG A 95 18.31 13.27 -14.40
N THR A 96 17.86 13.30 -13.18
CA THR A 96 17.90 14.49 -12.40
C THR A 96 19.27 14.63 -11.74
N ASP A 97 20.09 13.57 -11.79
CA ASP A 97 21.44 13.58 -11.22
C ASP A 97 22.40 14.32 -12.12
N ASN A 98 22.42 14.00 -13.42
CA ASN A 98 23.24 14.72 -14.36
C ASN A 98 22.48 15.45 -15.49
N GLY A 99 21.14 15.40 -15.53
CA GLY A 99 20.40 16.10 -16.60
C GLY A 99 20.50 15.49 -18.00
N ASN A 100 21.22 14.37 -18.16
CA ASN A 100 21.34 13.72 -19.46
C ASN A 100 20.00 13.13 -19.85
N GLU A 101 19.69 13.26 -21.11
CA GLU A 101 18.44 12.81 -21.65
C GLU A 101 18.42 11.30 -21.77
N LEU A 102 17.30 10.70 -21.45
CA LEU A 102 17.06 9.31 -21.82
C LEU A 102 15.81 9.34 -22.65
N ASN A 103 15.92 9.03 -23.94
CA ASN A 103 14.80 9.15 -24.87
C ASN A 103 14.38 7.73 -25.20
N THR A 104 13.09 7.50 -25.30
CA THR A 104 12.64 6.15 -25.56
C THR A 104 11.39 6.15 -26.38
N VAL A 105 11.15 5.05 -27.10
CA VAL A 105 9.99 4.96 -27.93
C VAL A 105 9.35 3.63 -27.75
N ARG A 106 8.04 3.60 -27.54
CA ARG A 106 7.26 2.38 -27.62
C ARG A 106 6.49 2.40 -28.95
N GLU A 107 6.63 1.32 -29.76
CA GLU A 107 5.80 1.08 -30.91
C GLU A 107 5.38 -0.39 -31.06
N ILE A 108 4.21 -0.62 -31.61
CA ILE A 108 3.78 -1.97 -31.96
C ILE A 108 4.21 -2.28 -33.38
N ILE A 109 5.01 -3.32 -33.52
CA ILE A 109 5.48 -3.80 -34.81
C ILE A 109 4.93 -5.21 -34.89
N GLY A 110 3.91 -5.41 -35.72
CA GLY A 110 3.19 -6.66 -35.82
C GLY A 110 2.41 -6.88 -34.55
N ASP A 111 2.74 -7.95 -33.80
CA ASP A 111 2.14 -8.17 -32.48
C ASP A 111 3.13 -7.98 -31.31
N GLU A 112 4.30 -7.39 -31.57
CA GLU A 112 5.30 -7.08 -30.57
C GLU A 112 5.34 -5.61 -30.18
N LEU A 113 5.45 -5.39 -28.87
CA LEU A 113 5.77 -4.05 -28.36
C LEU A 113 7.29 -3.94 -28.43
N VAL A 114 7.74 -3.04 -29.27
CA VAL A 114 9.15 -2.75 -29.41
C VAL A 114 9.51 -1.43 -28.69
N GLN A 115 10.42 -1.50 -27.71
CA GLN A 115 10.79 -0.30 -26.97
C GLN A 115 12.23 -0.06 -27.26
N THR A 116 12.51 1.09 -27.84
CA THR A 116 13.84 1.58 -28.10
C THR A 116 14.23 2.48 -26.91
N TYR A 117 15.52 2.54 -26.62
CA TYR A 117 16.05 3.37 -25.58
C TYR A 117 17.24 4.00 -26.21
N VAL A 118 17.50 5.28 -25.95
CA VAL A 118 18.76 5.89 -26.37
C VAL A 118 19.26 6.69 -25.17
N TYR A 119 20.51 6.48 -24.81
CA TYR A 119 21.16 7.25 -23.73
C TYR A 119 22.65 7.50 -24.06
N GLU A 120 23.03 8.78 -24.09
CA GLU A 120 24.42 9.19 -24.35
C GLU A 120 25.06 8.45 -25.51
N GLY A 121 24.35 8.34 -26.62
CA GLY A 121 24.90 7.72 -27.81
C GLY A 121 24.58 6.24 -27.96
N VAL A 122 24.26 5.56 -26.84
CA VAL A 122 23.96 4.13 -26.85
C VAL A 122 22.48 3.83 -27.05
N GLU A 123 22.16 2.98 -28.03
CA GLU A 123 20.82 2.65 -28.38
C GLU A 123 20.59 1.17 -28.08
N ALA A 124 19.43 0.86 -27.51
CA ALA A 124 19.06 -0.52 -27.23
C ALA A 124 17.60 -0.70 -27.57
N LYS A 125 17.22 -1.96 -27.68
CA LYS A 125 15.86 -2.32 -27.89
C LYS A 125 15.47 -3.43 -26.95
N ARG A 126 14.26 -3.32 -26.38
CA ARG A 126 13.62 -4.48 -25.80
C ARG A 126 12.30 -4.74 -26.47
N ILE A 127 12.10 -6.00 -26.89
CA ILE A 127 10.90 -6.47 -27.57
C ILE A 127 10.02 -7.36 -26.73
N PHE A 128 8.72 -7.03 -26.67
CA PHE A 128 7.77 -7.76 -25.85
C PHE A 128 6.72 -8.46 -26.67
N LYS A 129 6.25 -9.59 -26.14
CA LYS A 129 5.15 -10.32 -26.77
C LYS A 129 4.00 -10.28 -25.83
N LYS A 130 2.79 -10.47 -26.36
CA LYS A 130 1.63 -10.59 -25.52
C LYS A 130 1.72 -11.84 -24.64
N ASP A 131 1.38 -11.69 -23.37
CA ASP A 131 1.50 -12.77 -22.37
C ASP A 131 1.02 -14.12 -22.92
N ALA B 1 8.83 -0.78 23.62
CA ALA B 1 9.86 0.33 23.67
C ALA B 1 10.25 0.86 22.28
N PHE B 2 10.21 0.01 21.25
CA PHE B 2 10.57 0.43 19.91
C PHE B 2 9.39 1.06 19.20
N ASP B 3 8.20 0.86 19.79
CA ASP B 3 6.94 1.35 19.23
C ASP B 3 6.77 2.85 19.31
N SER B 4 7.14 3.53 18.23
CA SER B 4 6.94 4.96 18.04
C SER B 4 7.08 5.28 16.59
N THR B 5 7.12 6.56 16.28
CA THR B 5 7.56 7.05 15.01
C THR B 5 8.83 7.80 15.24
N TRP B 6 9.88 7.40 14.56
CA TRP B 6 11.17 7.93 14.77
C TRP B 6 11.67 8.67 13.55
N LYS B 7 12.11 9.90 13.75
CA LYS B 7 12.70 10.68 12.68
C LYS B 7 14.21 10.86 12.85
N VAL B 8 14.98 10.54 11.81
CA VAL B 8 16.43 10.61 11.90
C VAL B 8 16.84 12.05 12.31
N ASP B 9 17.77 12.14 13.25
CA ASP B 9 18.24 13.43 13.79
C ASP B 9 19.67 13.71 13.35
N ARG B 10 20.50 12.67 13.33
CA ARG B 10 21.94 12.83 13.13
C ARG B 10 22.55 11.47 12.89
N SER B 11 23.74 11.47 12.35
CA SER B 11 24.37 10.28 11.81
C SER B 11 25.85 10.46 12.05
N GLU B 12 26.56 9.34 12.14
CA GLU B 12 27.99 9.34 12.31
C GLU B 12 28.62 8.36 11.34
N ASN B 13 29.58 8.83 10.57
CA ASN B 13 30.26 7.97 9.62
C ASN B 13 29.39 7.36 8.57
N TYR B 14 28.23 7.96 8.30
CA TYR B 14 27.25 7.37 7.40
C TYR B 14 27.75 7.48 5.95
N ASP B 15 28.40 8.60 5.62
CA ASP B 15 28.90 8.80 4.27
C ASP B 15 29.86 7.70 3.86
N LYS B 16 30.82 7.39 4.73
CA LYS B 16 31.78 6.33 4.48
C LYS B 16 31.13 4.96 4.39
N PHE B 17 30.08 4.74 5.19
CA PHE B 17 29.37 3.49 5.16
C PHE B 17 28.66 3.31 3.83
N MET B 18 27.95 4.35 3.41
CA MET B 18 27.28 4.32 2.14
C MET B 18 28.23 4.01 1.00
N GLU B 19 29.38 4.67 1.00
CA GLU B 19 30.41 4.53 -0.05
C GLU B 19 30.94 3.12 -0.06
N LYS B 20 31.22 2.58 1.12
CA LYS B 20 31.64 1.18 1.19
C LYS B 20 30.61 0.23 0.61
N MET B 21 29.33 0.49 0.89
CA MET B 21 28.23 -0.20 0.25
C MET B 21 28.06 0.11 -1.25
N GLY B 22 28.88 1.01 -1.80
CA GLY B 22 28.85 1.27 -3.22
C GLY B 22 27.79 2.22 -3.70
N VAL B 23 27.19 3.05 -2.84
CA VAL B 23 26.38 4.13 -3.36
C VAL B 23 27.30 5.26 -3.86
N ASN B 24 26.89 5.90 -4.95
CA ASN B 24 27.71 6.92 -5.58
C ASN B 24 27.57 8.27 -4.87
N ILE B 25 28.51 9.17 -5.15
CA ILE B 25 28.55 10.43 -4.43
C ILE B 25 27.22 11.20 -4.58
N VAL B 26 26.61 11.19 -5.76
CA VAL B 26 25.40 11.96 -5.93
C VAL B 26 24.32 11.46 -4.99
N LYS B 27 24.18 10.14 -4.92
CA LYS B 27 23.20 9.53 -4.04
C LYS B 27 23.63 9.67 -2.54
N ARG B 28 24.94 9.64 -2.24
CA ARG B 28 25.39 9.89 -0.85
C ARG B 28 25.07 11.32 -0.42
N LYS B 29 25.14 12.27 -1.34
CA LYS B 29 24.75 13.65 -1.03
C LYS B 29 23.26 13.69 -0.71
N LEU B 30 22.46 13.05 -1.55
CA LEU B 30 21.02 12.97 -1.33
C LEU B 30 20.70 12.26 -0.01
N ALA B 31 21.41 11.16 0.26
CA ALA B 31 21.17 10.37 1.47
C ALA B 31 21.43 11.22 2.71
N ALA B 32 22.41 12.11 2.68
CA ALA B 32 22.63 12.97 3.83
C ALA B 32 21.41 13.77 4.31
N HIS B 33 20.37 13.88 3.47
CA HIS B 33 19.15 14.62 3.79
C HIS B 33 17.90 13.84 3.42
N ASP B 34 17.92 12.55 3.73
CA ASP B 34 16.84 11.63 3.33
C ASP B 34 15.63 11.76 4.20
N ASN B 35 15.76 12.41 5.35
CA ASN B 35 14.61 12.69 6.20
C ASN B 35 13.88 11.39 6.59
N LEU B 36 14.67 10.36 6.84
CA LEU B 36 14.16 9.03 7.22
C LEU B 36 13.30 9.04 8.46
N LYS B 37 12.15 8.43 8.28
CA LYS B 37 11.14 8.26 9.28
C LYS B 37 10.87 6.76 9.37
N LEU B 38 11.04 6.23 10.59
CA LEU B 38 10.70 4.86 10.93
C LEU B 38 9.48 4.85 11.82
N THR B 39 8.38 4.28 11.34
CA THR B 39 7.31 3.97 12.25
C THR B 39 7.26 2.49 12.54
N ILE B 40 7.46 2.16 13.81
CA ILE B 40 7.65 0.77 14.22
C ILE B 40 6.51 0.39 15.10
N THR B 41 5.79 -0.67 14.69
CA THR B 41 4.77 -1.32 15.51
C THR B 41 5.19 -2.79 15.68
N GLN B 42 5.11 -3.24 16.94
CA GLN B 42 5.43 -4.59 17.37
C GLN B 42 4.14 -5.26 17.80
N GLU B 43 3.87 -6.46 17.26
CA GLU B 43 2.80 -7.31 17.79
C GLU B 43 3.36 -8.72 18.05
N GLY B 44 3.54 -9.07 19.32
CA GLY B 44 4.27 -10.27 19.71
C GLY B 44 5.69 -10.23 19.18
N ASN B 45 6.10 -11.30 18.50
CA ASN B 45 7.39 -11.38 17.87
C ASN B 45 7.30 -10.90 16.41
N LYS B 46 6.17 -10.29 16.01
CA LYS B 46 6.03 -9.73 14.66
C LYS B 46 6.14 -8.21 14.65
N PHE B 47 7.05 -7.68 13.84
CA PHE B 47 7.23 -6.22 13.73
C PHE B 47 6.74 -5.74 12.38
N THR B 48 6.19 -4.53 12.34
CA THR B 48 5.91 -3.81 11.10
C THR B 48 6.65 -2.48 11.15
N VAL B 49 7.46 -2.20 10.12
CA VAL B 49 8.24 -0.98 10.04
C VAL B 49 7.96 -0.21 8.73
N LYS B 50 7.26 0.92 8.86
CA LYS B 50 7.05 1.81 7.71
C LYS B 50 8.26 2.69 7.63
N GLU B 51 9.02 2.54 6.55
CA GLU B 51 10.19 3.37 6.26
C GLU B 51 9.78 4.44 5.24
N SER B 52 10.03 5.70 5.56
CA SER B 52 9.75 6.75 4.59
C SER B 52 10.90 7.71 4.58
N SER B 53 11.30 8.06 3.38
CA SER B 53 12.43 8.96 3.20
C SER B 53 12.12 9.76 1.94
N ALA B 54 13.03 10.67 1.58
CA ALA B 54 13.08 11.33 0.27
C ALA B 54 13.18 10.31 -0.87
N PHE B 55 13.86 9.19 -0.62
CA PHE B 55 14.02 8.16 -1.66
C PHE B 55 12.74 7.36 -1.93
N ARG B 56 12.05 6.93 -0.88
CA ARG B 56 10.92 5.99 -1.00
C ARG B 56 10.06 5.82 0.25
N ASN B 57 8.91 5.20 0.08
CA ASN B 57 7.97 4.87 1.16
C ASN B 57 7.56 3.40 1.17
N ILE B 58 8.21 2.59 2.01
CA ILE B 58 8.01 1.15 2.04
C ILE B 58 7.59 0.70 3.43
N GLU B 59 6.97 -0.47 3.47
CA GLU B 59 6.50 -1.07 4.69
C GLU B 59 7.16 -2.41 4.76
N VAL B 60 7.92 -2.66 5.82
CA VAL B 60 8.63 -3.91 6.00
C VAL B 60 7.93 -4.66 7.10
N VAL B 61 7.60 -5.92 6.90
CA VAL B 61 7.04 -6.72 7.96
C VAL B 61 7.94 -7.92 8.20
N PHE B 62 8.23 -8.19 9.46
CA PHE B 62 9.12 -9.30 9.80
C PHE B 62 8.75 -9.94 11.09
N GLU B 63 9.11 -11.21 11.22
CA GLU B 63 9.01 -11.88 12.52
C GLU B 63 10.43 -12.13 12.96
N LEU B 64 10.66 -12.04 14.28
CA LEU B 64 11.98 -12.27 14.85
C LEU B 64 12.49 -13.71 14.53
N GLY B 65 13.73 -13.83 14.06
CA GLY B 65 14.29 -15.14 13.83
C GLY B 65 13.81 -15.83 12.55
N VAL B 66 13.01 -15.16 11.70
CA VAL B 66 12.66 -15.76 10.40
C VAL B 66 13.26 -14.88 9.30
N THR B 67 14.06 -15.51 8.43
CA THR B 67 14.85 -14.81 7.48
C THR B 67 13.91 -14.30 6.40
N PHE B 68 14.14 -13.07 5.99
CA PHE B 68 13.37 -12.37 4.96
C PHE B 68 14.30 -11.60 4.05
N ASN B 69 13.76 -11.14 2.90
CA ASN B 69 14.53 -10.46 1.89
C ASN B 69 14.10 -9.01 2.01
N TYR B 70 15.01 -8.12 1.70
CA TYR B 70 14.73 -6.72 1.80
C TYR B 70 15.58 -6.04 0.76
N ASN B 71 14.94 -5.16 0.01
CA ASN B 71 15.68 -4.40 -1.00
C ASN B 71 16.03 -3.04 -0.56
N LEU B 72 17.28 -2.70 -0.77
CA LEU B 72 17.78 -1.43 -0.44
C LEU B 72 17.32 -0.47 -1.53
N ALA B 73 17.39 0.81 -1.22
CA ALA B 73 16.96 1.84 -2.16
C ALA B 73 17.64 1.81 -3.53
N ASP B 74 18.81 1.18 -3.65
CA ASP B 74 19.44 0.99 -4.99
C ASP B 74 19.15 -0.35 -5.63
N GLY B 75 18.21 -1.06 -5.07
CA GLY B 75 17.86 -2.36 -5.59
C GLY B 75 18.73 -3.50 -5.13
N THR B 76 19.68 -3.22 -4.26
CA THR B 76 20.53 -4.30 -3.69
C THR B 76 19.73 -5.10 -2.70
N GLU B 77 19.79 -6.41 -2.87
CA GLU B 77 19.00 -7.28 -2.04
C GLU B 77 19.79 -7.70 -0.76
N LEU B 78 19.09 -7.66 0.35
CA LEU B 78 19.62 -8.11 1.62
C LEU B 78 18.78 -9.30 2.04
N ARG B 79 19.38 -10.30 2.63
CA ARG B 79 18.64 -11.43 3.17
C ARG B 79 19.05 -11.71 4.61
N GLY B 80 18.10 -11.83 5.53
CA GLY B 80 18.50 -11.90 6.93
C GLY B 80 17.42 -11.89 7.94
N THR B 81 17.81 -11.69 9.22
CA THR B 81 16.88 -11.70 10.28
C THR B 81 17.20 -10.59 11.24
N TRP B 82 16.16 -10.21 11.94
CA TRP B 82 16.24 -9.44 13.14
C TRP B 82 16.09 -10.44 14.30
N SER B 83 16.79 -10.19 15.39
CA SER B 83 16.71 -10.97 16.60
C SER B 83 16.60 -10.01 17.78
N LEU B 84 16.10 -10.50 18.92
CA LEU B 84 16.06 -9.69 20.13
C LEU B 84 17.22 -10.19 20.98
N GLU B 85 18.01 -9.29 21.50
CA GLU B 85 19.17 -9.64 22.34
C GLU B 85 18.99 -8.75 23.54
N GLY B 86 18.37 -9.31 24.58
CA GLY B 86 17.77 -8.52 25.67
C GLY B 86 16.73 -7.51 25.18
N ASN B 87 17.11 -6.24 25.31
CA ASN B 87 16.36 -5.08 24.80
C ASN B 87 16.66 -4.67 23.33
N LYS B 88 17.76 -5.19 22.77
CA LYS B 88 18.26 -4.74 21.49
C LYS B 88 17.70 -5.61 20.39
N LEU B 89 17.30 -4.99 19.30
CA LEU B 89 17.15 -5.70 18.05
C LEU B 89 18.51 -5.85 17.35
N ILE B 90 18.87 -7.08 16.99
CA ILE B 90 20.15 -7.37 16.30
C ILE B 90 19.80 -7.90 14.90
N GLY B 91 20.32 -7.23 13.86
CA GLY B 91 20.04 -7.60 12.47
C GLY B 91 21.28 -8.21 11.84
N LYS B 92 21.15 -9.39 11.25
CA LYS B 92 22.28 -10.01 10.57
C LYS B 92 21.79 -10.31 9.20
N PHE B 93 22.34 -9.57 8.24
CA PHE B 93 21.88 -9.59 6.88
C PHE B 93 23.06 -9.91 6.03
N LYS B 94 22.80 -10.53 4.88
CA LYS B 94 23.81 -10.72 3.88
C LYS B 94 23.32 -10.11 2.56
N ARG B 95 24.22 -9.44 1.85
CA ARG B 95 23.94 -8.99 0.49
C ARG B 95 23.93 -10.21 -0.43
N THR B 96 22.93 -10.29 -1.28
CA THR B 96 22.76 -11.39 -2.24
C THR B 96 23.90 -11.43 -3.23
N ASP B 97 24.30 -10.25 -3.73
CA ASP B 97 25.32 -10.18 -4.76
C ASP B 97 26.70 -10.74 -4.33
N ASN B 98 27.32 -10.13 -3.32
CA ASN B 98 28.67 -10.51 -2.90
C ASN B 98 28.70 -11.40 -1.67
N GLY B 99 27.55 -11.58 -1.03
CA GLY B 99 27.45 -12.41 0.18
C GLY B 99 27.97 -11.72 1.43
N ASN B 100 28.44 -10.49 1.32
CA ASN B 100 29.03 -9.78 2.46
C ASN B 100 27.97 -9.51 3.52
N GLU B 101 28.34 -9.70 4.79
CA GLU B 101 27.36 -9.50 5.85
C GLU B 101 27.20 -8.02 6.22
N LEU B 102 25.95 -7.66 6.51
CA LEU B 102 25.63 -6.33 7.01
C LEU B 102 25.00 -6.57 8.35
N ASN B 103 25.74 -6.24 9.40
CA ASN B 103 25.33 -6.43 10.79
C ASN B 103 24.81 -5.09 11.36
N THR B 104 23.68 -5.13 12.05
CA THR B 104 23.06 -3.92 12.54
C THR B 104 22.47 -4.14 13.95
N VAL B 105 22.42 -3.06 14.71
CA VAL B 105 21.78 -3.06 16.01
C VAL B 105 20.86 -1.86 16.12
N ARG B 106 19.65 -2.07 16.59
CA ARG B 106 18.75 -1.01 16.99
C ARG B 106 18.60 -1.05 18.54
N GLU B 107 18.86 0.07 19.21
CA GLU B 107 18.64 0.11 20.66
C GLU B 107 18.07 1.45 21.08
N ILE B 108 17.31 1.47 22.16
CA ILE B 108 16.84 2.73 22.70
C ILE B 108 17.89 3.17 23.71
N ILE B 109 18.30 4.41 23.63
CA ILE B 109 19.24 4.97 24.59
C ILE B 109 18.63 6.32 25.02
N GLY B 110 18.23 6.39 26.27
CA GLY B 110 17.44 7.52 26.74
C GLY B 110 16.17 7.62 25.94
N ASP B 111 15.97 8.74 25.23
CA ASP B 111 14.75 8.90 24.43
C ASP B 111 14.95 8.63 22.93
N GLU B 112 16.12 8.10 22.56
CA GLU B 112 16.51 8.04 21.14
C GLU B 112 16.70 6.61 20.69
N LEU B 113 16.45 6.38 19.40
CA LEU B 113 16.63 5.07 18.83
C LEU B 113 17.95 5.19 18.17
N VAL B 114 18.92 4.41 18.62
CA VAL B 114 20.21 4.46 17.95
C VAL B 114 20.40 3.21 17.11
N GLN B 115 20.72 3.39 15.82
CA GLN B 115 20.94 2.26 14.99
C GLN B 115 22.35 2.27 14.49
N THR B 116 23.04 1.17 14.74
CA THR B 116 24.43 0.99 14.37
C THR B 116 24.53 0.08 13.17
N TYR B 117 25.41 0.39 12.22
CA TYR B 117 25.59 -0.36 11.00
C TYR B 117 27.08 -0.77 10.90
N VAL B 118 27.32 -2.03 10.57
CA VAL B 118 28.68 -2.53 10.40
C VAL B 118 28.75 -3.30 9.11
N TYR B 119 29.67 -2.88 8.26
CA TYR B 119 29.78 -3.43 6.95
C TYR B 119 31.22 -3.35 6.52
N GLU B 120 31.80 -4.54 6.26
CA GLU B 120 33.15 -4.63 5.69
C GLU B 120 34.14 -3.64 6.30
N GLY B 121 34.25 -3.65 7.63
CA GLY B 121 35.25 -2.87 8.37
C GLY B 121 34.91 -1.43 8.64
N VAL B 122 33.70 -1.04 8.25
CA VAL B 122 33.21 0.31 8.50
C VAL B 122 31.98 0.24 9.38
N GLU B 123 32.02 1.06 10.42
CA GLU B 123 30.93 1.17 11.34
C GLU B 123 30.32 2.56 11.26
N ALA B 124 28.99 2.60 11.23
CA ALA B 124 28.28 3.84 11.24
C ALA B 124 27.10 3.85 12.22
N LYS B 125 26.68 5.06 12.58
CA LYS B 125 25.47 5.24 13.42
C LYS B 125 24.46 6.16 12.82
N ARG B 126 23.20 5.82 13.04
CA ARG B 126 22.10 6.78 12.82
C ARG B 126 21.18 6.82 14.02
N ILE B 127 20.97 8.04 14.53
CA ILE B 127 20.22 8.32 15.74
C ILE B 127 18.91 9.09 15.44
N PHE B 128 17.84 8.52 15.93
CA PHE B 128 16.50 8.98 15.68
C PHE B 128 15.89 9.52 16.98
N LYS B 129 15.05 10.55 16.83
CA LYS B 129 14.29 11.08 17.95
C LYS B 129 12.82 10.82 17.63
N LYS B 130 11.98 10.69 18.66
CA LYS B 130 10.52 10.51 18.49
C LYS B 130 9.98 11.69 17.75
N ASP B 131 9.13 11.45 16.76
CA ASP B 131 8.84 12.43 15.72
C ASP B 131 10.03 13.35 15.33
N ALA C 1 -3.77 6.03 3.77
CA ALA C 1 -4.59 5.45 2.66
C ALA C 1 -5.56 6.45 2.01
N PHE C 2 -5.82 7.58 2.66
CA PHE C 2 -6.64 8.65 2.10
C PHE C 2 -5.96 9.51 1.02
N ASP C 3 -4.64 9.37 0.88
CA ASP C 3 -3.87 10.27 0.03
C ASP C 3 -3.97 9.86 -1.40
N SER C 4 -4.72 10.68 -2.13
CA SER C 4 -4.89 10.54 -3.55
C SER C 4 -5.93 11.57 -3.99
N THR C 5 -6.23 11.55 -5.28
CA THR C 5 -7.30 12.35 -5.86
C THR C 5 -8.44 11.39 -6.06
N TRP C 6 -9.59 11.75 -5.52
CA TRP C 6 -10.78 10.93 -5.57
C TRP C 6 -11.86 11.62 -6.37
N LYS C 7 -12.59 10.85 -7.17
CA LYS C 7 -13.70 11.39 -7.95
C LYS C 7 -14.96 10.60 -7.72
N VAL C 8 -15.99 11.33 -7.35
CA VAL C 8 -17.23 10.68 -7.05
C VAL C 8 -17.59 9.75 -8.23
N ASP C 9 -18.02 8.54 -7.88
CA ASP C 9 -18.48 7.53 -8.82
C ASP C 9 -19.97 7.39 -8.77
N ARG C 10 -20.52 7.32 -7.56
CA ARG C 10 -21.92 7.01 -7.39
C ARG C 10 -22.37 7.46 -5.99
N SER C 11 -23.66 7.77 -5.84
CA SER C 11 -24.23 8.09 -4.57
C SER C 11 -25.41 7.21 -4.17
N GLU C 12 -25.76 7.19 -2.89
CA GLU C 12 -26.96 6.44 -2.45
C GLU C 12 -27.75 7.29 -1.52
N ASN C 13 -29.02 7.49 -1.84
CA ASN C 13 -29.90 8.30 -1.00
C ASN C 13 -29.44 9.72 -0.80
N TYR C 14 -28.51 10.18 -1.63
CA TYR C 14 -28.02 11.57 -1.54
C TYR C 14 -29.14 12.61 -1.69
N ASP C 15 -30.14 12.31 -2.51
CA ASP C 15 -31.29 13.22 -2.71
C ASP C 15 -32.07 13.49 -1.44
N LYS C 16 -32.38 12.45 -0.67
CA LYS C 16 -33.16 12.58 0.57
C LYS C 16 -32.37 13.26 1.67
N PHE C 17 -31.07 12.96 1.77
CA PHE C 17 -30.14 13.66 2.67
C PHE C 17 -30.10 15.15 2.37
N MET C 18 -29.99 15.50 1.10
CA MET C 18 -29.97 16.92 0.71
C MET C 18 -31.29 17.53 1.07
N GLU C 19 -32.37 16.84 0.74
CA GLU C 19 -33.73 17.28 1.12
C GLU C 19 -33.92 17.54 2.59
N LYS C 20 -33.39 16.67 3.43
CA LYS C 20 -33.58 16.81 4.85
C LYS C 20 -32.86 18.01 5.38
N MET C 21 -31.70 18.30 4.79
CA MET C 21 -30.90 19.48 5.06
C MET C 21 -31.55 20.75 4.52
N GLY C 22 -32.65 20.61 3.76
CA GLY C 22 -33.41 21.77 3.28
C GLY C 22 -32.97 22.35 1.95
N VAL C 23 -32.27 21.55 1.14
CA VAL C 23 -31.82 21.97 -0.18
C VAL C 23 -33.03 21.91 -1.09
N ASN C 24 -33.28 22.96 -1.86
CA ASN C 24 -34.43 22.96 -2.76
C ASN C 24 -34.20 22.02 -3.94
N ILE C 25 -35.32 21.70 -4.60
CA ILE C 25 -35.37 20.70 -5.65
C ILE C 25 -34.45 21.06 -6.80
N VAL C 26 -34.34 22.34 -7.14
CA VAL C 26 -33.42 22.76 -8.23
C VAL C 26 -31.97 22.45 -7.88
N LYS C 27 -31.60 22.80 -6.65
CA LYS C 27 -30.23 22.66 -6.18
C LYS C 27 -29.91 21.20 -5.99
N ARG C 28 -30.90 20.39 -5.60
CA ARG C 28 -30.69 18.96 -5.42
C ARG C 28 -30.33 18.30 -6.75
N LYS C 29 -30.99 18.73 -7.81
CA LYS C 29 -30.76 18.13 -9.10
C LYS C 29 -29.36 18.55 -9.60
N LEU C 30 -28.94 19.78 -9.27
CA LEU C 30 -27.60 20.23 -9.66
C LEU C 30 -26.57 19.46 -8.84
N ALA C 31 -26.84 19.35 -7.54
CA ALA C 31 -25.89 18.87 -6.57
C ALA C 31 -25.53 17.44 -6.87
N ALA C 32 -26.45 16.75 -7.51
CA ALA C 32 -26.30 15.36 -7.84
C ALA C 32 -25.52 15.14 -9.12
N HIS C 33 -25.11 16.23 -9.79
CA HIS C 33 -24.19 16.11 -10.93
C HIS C 33 -22.95 16.98 -10.66
N ASP C 34 -22.51 16.79 -9.44
CA ASP C 34 -21.47 17.53 -8.76
C ASP C 34 -20.13 17.53 -9.46
N ASN C 35 -19.86 16.40 -10.08
CA ASN C 35 -18.53 16.08 -10.48
C ASN C 35 -17.45 16.29 -9.40
N LEU C 36 -17.82 16.16 -8.13
CA LEU C 36 -16.91 16.38 -6.97
C LEU C 36 -15.67 15.53 -7.08
N LYS C 37 -14.54 16.22 -6.97
CA LYS C 37 -13.25 15.57 -6.82
C LYS C 37 -12.64 16.07 -5.50
N LEU C 38 -12.05 15.13 -4.74
CA LEU C 38 -11.29 15.40 -3.49
C LEU C 38 -9.86 15.00 -3.60
N THR C 39 -8.98 15.95 -3.37
CA THR C 39 -7.56 15.66 -3.28
C THR C 39 -7.13 15.85 -1.85
N ILE C 40 -6.75 14.75 -1.25
CA ILE C 40 -6.43 14.72 0.16
C ILE C 40 -4.94 14.54 0.27
N THR C 41 -4.32 15.34 1.14
CA THR C 41 -2.94 15.14 1.55
C THR C 41 -2.90 15.20 3.06
N GLN C 42 -2.05 14.36 3.63
CA GLN C 42 -1.94 14.20 5.06
C GLN C 42 -0.51 14.49 5.48
N GLU C 43 -0.33 15.44 6.41
CA GLU C 43 0.93 15.63 7.09
C GLU C 43 0.69 15.47 8.57
N GLY C 44 1.06 14.31 9.11
CA GLY C 44 0.81 14.00 10.51
C GLY C 44 -0.67 14.06 10.83
N ASN C 45 -1.03 14.90 11.79
CA ASN C 45 -2.41 15.08 12.23
C ASN C 45 -3.14 16.12 11.37
N LYS C 46 -2.40 16.79 10.47
CA LYS C 46 -2.96 17.84 9.58
C LYS C 46 -3.38 17.24 8.22
N PHE C 47 -4.61 17.55 7.80
CA PHE C 47 -5.12 17.08 6.52
C PHE C 47 -5.42 18.27 5.67
N THR C 48 -4.95 18.21 4.42
CA THR C 48 -5.39 19.16 3.39
C THR C 48 -6.39 18.45 2.44
N VAL C 49 -7.55 19.06 2.20
CA VAL C 49 -8.53 18.49 1.29
C VAL C 49 -9.01 19.55 0.29
N LYS C 50 -8.52 19.44 -0.93
CA LYS C 50 -8.98 20.26 -2.05
C LYS C 50 -10.32 19.71 -2.51
N GLU C 51 -11.41 20.46 -2.35
CA GLU C 51 -12.70 20.06 -2.87
C GLU C 51 -13.02 20.86 -4.17
N SER C 52 -13.14 20.13 -5.27
CA SER C 52 -13.33 20.74 -6.60
C SER C 52 -14.60 20.16 -7.16
N SER C 53 -15.57 21.00 -7.49
CA SER C 53 -16.75 20.47 -8.13
C SER C 53 -17.15 21.41 -9.24
N ALA C 54 -18.27 21.11 -9.88
CA ALA C 54 -18.87 21.98 -10.91
C ALA C 54 -19.22 23.37 -10.34
N PHE C 55 -19.54 23.43 -9.04
CA PHE C 55 -20.06 24.64 -8.40
C PHE C 55 -19.08 25.43 -7.54
N ARG C 56 -18.01 24.81 -7.09
CA ARG C 56 -16.97 25.58 -6.45
C ARG C 56 -15.68 24.79 -6.31
N ASN C 57 -14.67 25.57 -6.00
CA ASN C 57 -13.33 25.11 -5.91
C ASN C 57 -12.71 25.63 -4.58
N ILE C 58 -12.73 24.82 -3.51
CA ILE C 58 -12.20 25.24 -2.22
C ILE C 58 -11.23 24.22 -1.62
N GLU C 59 -10.32 24.71 -0.79
CA GLU C 59 -9.37 23.83 -0.07
C GLU C 59 -9.59 24.02 1.42
N VAL C 60 -9.70 22.92 2.16
CA VAL C 60 -9.85 22.96 3.59
C VAL C 60 -8.59 22.36 4.24
N VAL C 61 -7.98 23.09 5.17
CA VAL C 61 -6.93 22.51 5.98
C VAL C 61 -7.48 22.31 7.44
N PHE C 62 -7.39 21.10 7.93
CA PHE C 62 -7.83 20.83 9.31
C PHE C 62 -6.85 19.95 10.03
N GLU C 63 -7.03 19.97 11.34
CA GLU C 63 -6.23 19.21 12.26
C GLU C 63 -7.17 18.33 12.99
N LEU C 64 -6.82 17.05 13.11
CA LEU C 64 -7.65 16.12 13.89
C LEU C 64 -7.92 16.69 15.28
N GLY C 65 -9.17 16.57 15.70
CA GLY C 65 -9.60 16.99 17.00
C GLY C 65 -9.55 18.49 17.26
N VAL C 66 -9.42 19.33 16.20
CA VAL C 66 -9.39 20.77 16.41
C VAL C 66 -10.58 21.34 15.61
N THR C 67 -11.54 21.93 16.33
CA THR C 67 -12.77 22.42 15.75
C THR C 67 -12.49 23.53 14.79
N PHE C 68 -13.25 23.54 13.71
CA PHE C 68 -13.15 24.58 12.71
C PHE C 68 -14.53 24.77 12.09
N ASN C 69 -14.68 25.81 11.28
CA ASN C 69 -15.93 26.20 10.69
C ASN C 69 -15.86 25.89 9.21
N TYR C 70 -16.96 25.44 8.63
CA TYR C 70 -17.00 25.11 7.21
C TYR C 70 -18.33 25.54 6.62
N ASN C 71 -18.32 26.20 5.48
CA ASN C 71 -19.55 26.64 4.88
C ASN C 71 -19.93 25.70 3.74
N LEU C 72 -21.21 25.32 3.69
CA LEU C 72 -21.68 24.42 2.65
C LEU C 72 -21.90 25.33 1.46
N ALA C 73 -22.36 24.77 0.36
CA ALA C 73 -22.52 25.57 -0.85
C ALA C 73 -23.84 26.36 -0.84
N ASP C 74 -24.70 26.15 0.17
CA ASP C 74 -25.82 27.03 0.48
C ASP C 74 -25.54 28.02 1.62
N GLY C 75 -24.27 28.34 1.89
CA GLY C 75 -23.94 29.26 2.97
C GLY C 75 -24.03 28.72 4.41
N THR C 76 -24.89 27.72 4.67
CA THR C 76 -25.06 27.24 6.05
C THR C 76 -23.70 26.80 6.62
N GLU C 77 -23.37 27.34 7.80
CA GLU C 77 -22.06 27.04 8.37
C GLU C 77 -22.13 25.83 9.31
N LEU C 78 -21.11 24.99 9.17
CA LEU C 78 -20.93 23.81 9.99
C LEU C 78 -19.80 24.18 10.91
N ARG C 79 -19.84 23.68 12.14
CA ARG C 79 -18.69 23.82 13.01
C ARG C 79 -18.45 22.44 13.66
N GLY C 80 -17.23 21.96 13.60
CA GLY C 80 -16.95 20.62 14.12
C GLY C 80 -15.57 20.18 13.84
N THR C 81 -15.36 18.87 13.81
CA THR C 81 -14.04 18.32 13.81
C THR C 81 -14.03 17.05 12.97
N TRP C 82 -12.87 16.70 12.44
CA TRP C 82 -12.61 15.35 11.97
C TRP C 82 -11.76 14.67 13.04
N SER C 83 -12.11 13.43 13.29
CA SER C 83 -11.46 12.57 14.27
C SER C 83 -11.05 11.30 13.51
N LEU C 84 -10.10 10.56 14.04
CA LEU C 84 -9.71 9.26 13.54
C LEU C 84 -10.14 8.21 14.58
N GLU C 85 -10.92 7.22 14.13
CA GLU C 85 -11.39 6.08 14.94
C GLU C 85 -11.01 4.85 14.14
N GLY C 86 -9.91 4.21 14.57
CA GLY C 86 -9.27 3.16 13.77
C GLY C 86 -8.70 3.73 12.49
N ASN C 87 -9.17 3.19 11.37
CA ASN C 87 -8.74 3.59 10.01
C ASN C 87 -9.71 4.60 9.29
N LYS C 88 -10.75 5.03 10.02
CA LYS C 88 -11.81 5.88 9.49
C LYS C 88 -11.67 7.31 9.98
N LEU C 89 -11.97 8.25 9.14
CA LEU C 89 -12.04 9.63 9.58
C LEU C 89 -13.47 9.82 9.95
N ILE C 90 -13.73 10.39 11.12
CA ILE C 90 -15.10 10.58 11.61
C ILE C 90 -15.38 12.08 11.70
N GLY C 91 -16.46 12.54 11.09
CA GLY C 91 -16.78 13.97 11.03
C GLY C 91 -17.98 14.21 11.88
N LYS C 92 -17.83 15.06 12.90
CA LYS C 92 -18.92 15.46 13.80
C LYS C 92 -19.15 16.96 13.69
N PHE C 93 -20.17 17.36 12.94
CA PHE C 93 -20.38 18.77 12.64
C PHE C 93 -21.68 19.17 13.21
N LYS C 94 -21.83 20.46 13.45
CA LYS C 94 -23.14 20.94 13.88
C LYS C 94 -23.43 22.16 13.04
N ARG C 95 -24.68 22.29 12.63
CA ARG C 95 -25.11 23.47 11.90
C ARG C 95 -25.24 24.65 12.87
N THR C 96 -24.70 25.80 12.52
CA THR C 96 -24.79 26.98 13.37
C THR C 96 -26.23 27.51 13.33
N ASP C 97 -26.81 27.54 12.13
CA ASP C 97 -28.14 28.15 11.99
C ASP C 97 -29.17 27.51 12.95
N ASN C 98 -29.10 26.17 13.12
CA ASN C 98 -30.13 25.44 13.89
C ASN C 98 -29.63 24.40 14.92
N GLY C 99 -28.32 24.27 15.12
CA GLY C 99 -27.81 23.36 16.15
C GLY C 99 -27.81 21.89 15.83
N ASN C 100 -28.33 21.51 14.68
CA ASN C 100 -28.44 20.11 14.34
C ASN C 100 -27.11 19.51 13.93
N GLU C 101 -26.92 18.28 14.33
CA GLU C 101 -25.72 17.51 14.08
C GLU C 101 -25.69 16.94 12.65
N LEU C 102 -24.55 17.04 12.00
CA LEU C 102 -24.29 16.32 10.77
C LEU C 102 -23.03 15.48 10.96
N ASN C 103 -23.22 14.17 11.03
CA ASN C 103 -22.13 13.21 11.27
C ASN C 103 -21.73 12.53 9.96
N THR C 104 -20.45 12.38 9.70
CA THR C 104 -20.00 11.83 8.47
C THR C 104 -18.84 10.86 8.74
N VAL C 105 -18.65 9.90 7.83
CA VAL C 105 -17.52 9.00 7.91
C VAL C 105 -16.86 8.82 6.56
N ARG C 106 -15.55 8.95 6.52
CA ARG C 106 -14.79 8.56 5.35
C ARG C 106 -13.98 7.32 5.65
N GLU C 107 -14.05 6.35 4.76
CA GLU C 107 -13.24 5.15 4.92
C GLU C 107 -12.85 4.54 3.59
N ILE C 108 -11.72 3.85 3.56
CA ILE C 108 -11.31 3.19 2.34
C ILE C 108 -11.96 1.79 2.40
N ILE C 109 -12.75 1.43 1.39
CA ILE C 109 -13.29 0.08 1.30
C ILE C 109 -12.91 -0.48 -0.07
N GLY C 110 -11.99 -1.43 -0.09
CA GLY C 110 -11.37 -1.87 -1.34
C GLY C 110 -10.40 -0.83 -1.89
N ASP C 111 -10.69 -0.29 -3.07
CA ASP C 111 -9.93 0.82 -3.61
C ASP C 111 -10.70 2.14 -3.65
N GLU C 112 -11.84 2.18 -2.98
CA GLU C 112 -12.80 3.28 -3.05
C GLU C 112 -12.80 4.02 -1.71
N LEU C 113 -12.83 5.34 -1.77
CA LEU C 113 -13.24 6.13 -0.59
C LEU C 113 -14.75 6.14 -0.49
N VAL C 114 -15.26 5.67 0.62
CA VAL C 114 -16.67 5.67 0.86
C VAL C 114 -17.01 6.68 1.92
N GLN C 115 -17.85 7.65 1.59
CA GLN C 115 -18.24 8.64 2.56
C GLN C 115 -19.72 8.53 2.90
N THR C 116 -19.98 8.29 4.19
CA THR C 116 -21.32 8.23 4.74
C THR C 116 -21.69 9.55 5.38
N TYR C 117 -22.93 9.96 5.21
CA TYR C 117 -23.46 11.18 5.80
C TYR C 117 -24.69 10.83 6.56
N VAL C 118 -24.89 11.42 7.73
CA VAL C 118 -26.12 11.21 8.48
C VAL C 118 -26.60 12.55 8.98
N TYR C 119 -27.86 12.85 8.68
CA TYR C 119 -28.47 14.09 9.13
C TYR C 119 -29.91 13.87 9.57
N GLU C 120 -30.16 14.22 10.82
CA GLU C 120 -31.48 14.05 11.42
C GLU C 120 -32.14 12.76 10.95
N GLY C 121 -31.42 11.65 11.15
CA GLY C 121 -31.95 10.31 10.85
C GLY C 121 -31.90 9.82 9.41
N VAL C 122 -31.46 10.68 8.49
CA VAL C 122 -31.36 10.37 7.09
C VAL C 122 -29.89 10.07 6.75
N GLU C 123 -29.65 8.88 6.20
CA GLU C 123 -28.34 8.43 5.81
C GLU C 123 -28.18 8.38 4.30
N ALA C 124 -27.04 8.87 3.82
CA ALA C 124 -26.63 8.84 2.43
C ALA C 124 -25.19 8.40 2.35
N LYS C 125 -24.79 7.92 1.17
CA LYS C 125 -23.40 7.60 0.90
C LYS C 125 -23.00 8.21 -0.41
N ARG C 126 -21.76 8.66 -0.47
CA ARG C 126 -21.09 8.97 -1.71
C ARG C 126 -19.77 8.20 -1.79
N ILE C 127 -19.58 7.55 -2.94
CA ILE C 127 -18.49 6.60 -3.18
C ILE C 127 -17.61 7.14 -4.28
N PHE C 128 -16.34 7.25 -3.96
CA PHE C 128 -15.39 7.85 -4.82
C PHE C 128 -14.44 6.78 -5.30
N LYS C 129 -13.95 6.96 -6.54
CA LYS C 129 -12.86 6.16 -7.08
C LYS C 129 -11.62 7.02 -7.35
N LYS C 130 -10.48 6.35 -7.28
CA LYS C 130 -9.21 7.03 -7.37
C LYS C 130 -8.97 7.69 -8.74
N ASP C 131 -8.24 8.80 -8.70
CA ASP C 131 -7.51 9.29 -9.84
C ASP C 131 -6.02 9.47 -9.46
N ALA D 1 -20.19 -16.71 22.87
CA ALA D 1 -19.02 -15.77 22.95
C ALA D 1 -18.51 -15.35 21.56
N PHE D 2 -18.47 -16.30 20.63
CA PHE D 2 -18.16 -15.99 19.23
C PHE D 2 -19.34 -15.33 18.54
N ASP D 3 -20.53 -15.54 19.13
CA ASP D 3 -21.83 -15.06 18.62
C ASP D 3 -21.92 -13.56 18.65
N SER D 4 -21.27 -12.89 17.74
CA SER D 4 -21.50 -11.46 17.57
C SER D 4 -21.16 -11.12 16.12
N THR D 5 -21.48 -9.88 15.74
CA THR D 5 -20.96 -9.24 14.57
C THR D 5 -19.56 -8.66 14.81
N TRP D 6 -18.58 -9.14 14.04
CA TRP D 6 -17.20 -8.72 14.21
C TRP D 6 -16.77 -7.93 12.94
N LYS D 7 -16.01 -6.86 13.12
CA LYS D 7 -15.47 -6.07 12.01
C LYS D 7 -13.95 -6.04 12.06
N VAL D 8 -13.26 -6.43 11.00
CA VAL D 8 -11.77 -6.52 11.08
C VAL D 8 -11.17 -5.18 11.47
N ASP D 9 -10.27 -5.17 12.45
CA ASP D 9 -9.71 -3.88 12.94
C ASP D 9 -8.30 -3.67 12.46
N ARG D 10 -7.49 -4.70 12.60
CA ARG D 10 -6.16 -4.68 12.07
C ARG D 10 -5.74 -6.09 11.71
N SER D 11 -4.68 -6.18 10.94
CA SER D 11 -4.10 -7.47 10.62
C SER D 11 -2.63 -7.48 10.92
N GLU D 12 -2.06 -8.66 11.03
CA GLU D 12 -0.62 -8.81 11.24
C GLU D 12 -0.05 -9.77 10.21
N ASN D 13 0.79 -9.25 9.31
CA ASN D 13 1.52 -10.02 8.28
C ASN D 13 0.62 -10.67 7.19
N TYR D 14 -0.58 -10.13 6.99
CA TYR D 14 -1.56 -10.72 6.05
C TYR D 14 -1.12 -10.63 4.61
N ASP D 15 -0.37 -9.61 4.26
CA ASP D 15 0.05 -9.50 2.89
C ASP D 15 0.98 -10.64 2.45
N LYS D 16 1.94 -11.00 3.29
CA LYS D 16 2.86 -12.10 3.01
C LYS D 16 2.11 -13.45 3.06
N PHE D 17 1.07 -13.55 3.90
CA PHE D 17 0.22 -14.75 3.93
C PHE D 17 -0.50 -14.84 2.61
N MET D 18 -1.11 -13.71 2.21
CA MET D 18 -1.91 -13.65 0.99
C MET D 18 -1.05 -14.01 -0.19
N GLU D 19 0.18 -13.47 -0.20
CA GLU D 19 1.13 -13.75 -1.27
C GLU D 19 1.45 -15.22 -1.27
N LYS D 20 1.67 -15.78 -0.08
CA LYS D 20 1.99 -17.20 0.04
C LYS D 20 0.86 -18.07 -0.50
N MET D 21 -0.36 -17.60 -0.26
CA MET D 21 -1.58 -18.27 -0.73
C MET D 21 -1.87 -18.11 -2.21
N GLY D 22 -1.08 -17.32 -2.91
CA GLY D 22 -1.26 -17.15 -4.37
C GLY D 22 -2.12 -15.97 -4.78
N VAL D 23 -2.34 -15.02 -3.87
CA VAL D 23 -3.12 -13.81 -4.17
C VAL D 23 -2.21 -12.82 -4.91
N ASN D 24 -2.64 -12.36 -6.08
CA ASN D 24 -1.90 -11.37 -6.86
C ASN D 24 -1.85 -9.98 -6.23
N ILE D 25 -0.85 -9.20 -6.62
CA ILE D 25 -0.62 -7.86 -6.03
C ILE D 25 -1.86 -6.93 -6.06
N VAL D 26 -2.72 -7.09 -7.05
CA VAL D 26 -3.90 -6.24 -7.21
C VAL D 26 -5.00 -6.53 -6.18
N LYS D 27 -5.30 -7.81 -5.97
CA LYS D 27 -6.29 -8.21 -4.95
C LYS D 27 -5.71 -8.01 -3.55
N ARG D 28 -4.43 -8.28 -3.37
CA ARG D 28 -3.74 -7.98 -2.10
C ARG D 28 -3.96 -6.52 -1.72
N LYS D 29 -3.82 -5.63 -2.71
CA LYS D 29 -4.03 -4.22 -2.50
C LYS D 29 -5.45 -3.92 -2.01
N LEU D 30 -6.44 -4.52 -2.65
CA LEU D 30 -7.82 -4.40 -2.21
C LEU D 30 -8.03 -5.03 -0.82
N ALA D 31 -7.28 -6.09 -0.51
CA ALA D 31 -7.50 -6.83 0.73
C ALA D 31 -7.03 -6.08 1.98
N ALA D 32 -6.15 -5.11 1.81
CA ALA D 32 -5.76 -4.22 2.94
C ALA D 32 -6.98 -3.43 3.43
N HIS D 33 -8.00 -3.34 2.58
CA HIS D 33 -9.23 -2.62 2.92
C HIS D 33 -10.45 -3.39 2.61
N ASP D 34 -10.43 -4.69 2.96
CA ASP D 34 -11.53 -5.54 2.57
C ASP D 34 -12.70 -5.40 3.47
N ASN D 35 -12.55 -4.64 4.58
CA ASN D 35 -13.70 -4.36 5.46
C ASN D 35 -14.45 -5.64 5.88
N LEU D 36 -13.70 -6.71 6.16
CA LEU D 36 -14.29 -8.01 6.49
C LEU D 36 -15.19 -7.91 7.74
N LYS D 37 -16.41 -8.41 7.59
CA LYS D 37 -17.43 -8.47 8.62
C LYS D 37 -17.85 -9.94 8.80
N LEU D 38 -17.72 -10.45 10.02
CA LEU D 38 -18.09 -11.84 10.36
C LEU D 38 -19.21 -11.75 11.35
N THR D 39 -20.36 -12.27 10.97
CA THR D 39 -21.49 -12.36 11.85
C THR D 39 -21.71 -13.83 12.19
N ILE D 40 -21.41 -14.19 13.44
CA ILE D 40 -21.42 -15.57 13.88
C ILE D 40 -22.59 -15.90 14.82
N THR D 41 -23.36 -16.91 14.45
CA THR D 41 -24.35 -17.50 15.39
C THR D 41 -24.03 -18.98 15.63
N GLN D 42 -24.15 -19.40 16.89
CA GLN D 42 -23.88 -20.77 17.33
C GLN D 42 -25.20 -21.31 17.86
N GLU D 43 -25.58 -22.50 17.40
CA GLU D 43 -26.74 -23.22 17.90
C GLU D 43 -26.22 -24.62 18.25
N GLY D 44 -25.88 -24.80 19.52
CA GLY D 44 -25.13 -25.98 19.94
C GLY D 44 -23.86 -26.24 19.16
N ASN D 45 -23.88 -27.27 18.33
CA ASN D 45 -22.72 -27.65 17.53
C ASN D 45 -22.73 -27.04 16.10
N LYS D 46 -23.83 -26.39 15.72
CA LYS D 46 -24.03 -25.82 14.38
C LYS D 46 -23.70 -24.36 14.45
N PHE D 47 -23.03 -23.90 13.41
CA PHE D 47 -22.51 -22.55 13.36
C PHE D 47 -22.96 -21.97 12.04
N THR D 48 -23.39 -20.71 12.04
CA THR D 48 -23.70 -20.03 10.79
C THR D 48 -22.86 -18.76 10.74
N VAL D 49 -22.17 -18.55 9.63
CA VAL D 49 -21.23 -17.45 9.57
C VAL D 49 -21.48 -16.69 8.29
N LYS D 50 -21.89 -15.45 8.40
CA LYS D 50 -21.98 -14.64 7.22
C LYS D 50 -20.73 -13.79 7.20
N GLU D 51 -19.98 -13.93 6.12
CA GLU D 51 -18.77 -13.19 5.89
C GLU D 51 -19.10 -12.19 4.76
N SER D 52 -19.01 -10.89 5.08
CA SER D 52 -19.22 -9.77 4.13
C SER D 52 -17.90 -9.09 4.04
N SER D 53 -17.47 -8.80 2.82
CA SER D 53 -16.29 -8.02 2.58
C SER D 53 -16.47 -7.25 1.27
N ALA D 54 -15.46 -6.46 0.96
CA ALA D 54 -15.37 -5.71 -0.27
C ALA D 54 -15.40 -6.67 -1.49
N PHE D 55 -15.08 -7.95 -1.30
CA PHE D 55 -15.06 -8.92 -2.41
C PHE D 55 -16.38 -9.62 -2.63
N ARG D 56 -17.02 -9.98 -1.53
CA ARG D 56 -18.22 -10.80 -1.57
C ARG D 56 -19.02 -10.80 -0.28
N ASN D 57 -20.23 -11.34 -0.37
CA ASN D 57 -21.10 -11.54 0.77
C ASN D 57 -21.60 -12.99 0.68
N ILE D 58 -21.30 -13.82 1.68
CA ILE D 58 -21.66 -15.23 1.60
C ILE D 58 -22.00 -15.73 2.98
N GLU D 59 -22.72 -16.84 3.01
CA GLU D 59 -23.02 -17.50 4.26
C GLU D 59 -22.39 -18.90 4.25
N VAL D 60 -21.91 -19.27 5.43
CA VAL D 60 -21.25 -20.54 5.68
C VAL D 60 -21.98 -21.16 6.88
N VAL D 61 -22.48 -22.39 6.71
CA VAL D 61 -23.03 -23.14 7.81
C VAL D 61 -22.12 -24.38 7.97
N PHE D 62 -21.76 -24.65 9.21
CA PHE D 62 -21.04 -25.87 9.57
C PHE D 62 -21.40 -26.41 10.94
N GLU D 63 -21.03 -27.67 11.12
CA GLU D 63 -21.16 -28.39 12.33
C GLU D 63 -19.75 -28.68 12.80
N LEU D 64 -19.53 -28.55 14.11
CA LEU D 64 -18.24 -28.89 14.66
C LEU D 64 -17.92 -30.32 14.27
N GLY D 65 -16.69 -30.59 13.88
CA GLY D 65 -16.24 -31.98 13.61
C GLY D 65 -16.92 -32.67 12.41
N VAL D 66 -17.53 -31.92 11.50
CA VAL D 66 -18.06 -32.51 10.27
C VAL D 66 -17.41 -31.80 9.09
N THR D 67 -16.72 -32.60 8.28
CA THR D 67 -15.86 -32.08 7.26
C THR D 67 -16.74 -31.37 6.26
N PHE D 68 -16.29 -30.24 5.74
CA PHE D 68 -17.04 -29.50 4.71
C PHE D 68 -16.19 -28.77 3.69
N ASN D 69 -16.84 -28.34 2.60
CA ASN D 69 -16.13 -27.60 1.56
C ASN D 69 -16.43 -26.13 1.60
N TYR D 70 -15.39 -25.32 1.43
CA TYR D 70 -15.45 -23.87 1.49
C TYR D 70 -14.57 -23.28 0.38
N ASN D 71 -15.17 -22.36 -0.37
CA ASN D 71 -14.48 -21.59 -1.40
C ASN D 71 -13.99 -20.26 -0.87
N LEU D 72 -12.70 -20.02 -1.06
CA LEU D 72 -12.14 -18.72 -0.86
C LEU D 72 -12.62 -17.77 -1.98
N ALA D 73 -12.36 -16.47 -1.83
CA ALA D 73 -12.88 -15.44 -2.75
C ALA D 73 -12.42 -15.58 -4.19
N ASP D 74 -11.37 -16.38 -4.42
CA ASP D 74 -10.82 -16.58 -5.76
C ASP D 74 -11.22 -17.92 -6.32
N GLY D 75 -12.15 -18.60 -5.67
CA GLY D 75 -12.63 -19.90 -6.10
C GLY D 75 -11.81 -21.04 -5.53
N THR D 76 -10.69 -20.76 -4.86
CA THR D 76 -9.86 -21.85 -4.36
C THR D 76 -10.63 -22.60 -3.30
N GLU D 77 -10.71 -23.92 -3.47
CA GLU D 77 -11.49 -24.72 -2.56
C GLU D 77 -10.62 -25.15 -1.39
N LEU D 78 -11.27 -25.14 -0.23
CA LEU D 78 -10.72 -25.65 1.03
C LEU D 78 -11.67 -26.72 1.46
N ARG D 79 -11.13 -27.76 2.09
CA ARG D 79 -11.96 -28.79 2.66
C ARG D 79 -11.43 -29.10 4.05
N GLY D 80 -12.33 -29.18 5.01
CA GLY D 80 -11.88 -29.32 6.39
C GLY D 80 -12.98 -29.20 7.43
N THR D 81 -12.55 -28.99 8.68
CA THR D 81 -13.42 -28.95 9.79
C THR D 81 -13.00 -27.83 10.75
N TRP D 82 -13.99 -27.33 11.44
CA TRP D 82 -13.81 -26.60 12.67
C TRP D 82 -14.10 -27.50 13.89
N SER D 83 -13.34 -27.29 14.96
CA SER D 83 -13.46 -28.09 16.18
C SER D 83 -13.40 -27.09 17.32
N LEU D 84 -13.98 -27.40 18.47
CA LEU D 84 -13.70 -26.64 19.69
C LEU D 84 -12.57 -27.26 20.47
N GLU D 85 -11.58 -26.46 20.87
CA GLU D 85 -10.56 -26.89 21.82
C GLU D 85 -10.64 -25.99 23.04
N GLY D 86 -11.38 -26.44 24.07
CA GLY D 86 -11.83 -25.58 25.17
C GLY D 86 -12.75 -24.50 24.60
N ASN D 87 -12.35 -23.24 24.73
CA ASN D 87 -13.11 -22.09 24.22
C ASN D 87 -12.66 -21.55 22.83
N LYS D 88 -11.72 -22.23 22.19
CA LYS D 88 -11.17 -21.86 20.89
C LYS D 88 -11.73 -22.71 19.78
N LEU D 89 -11.96 -22.10 18.64
CA LEU D 89 -12.34 -22.81 17.43
C LEU D 89 -11.10 -23.11 16.64
N ILE D 90 -10.95 -24.37 16.26
CA ILE D 90 -9.72 -24.80 15.60
C ILE D 90 -10.08 -25.28 14.24
N GLY D 91 -9.44 -24.66 13.23
CA GLY D 91 -9.75 -24.91 11.84
C GLY D 91 -8.63 -25.65 11.16
N LYS D 92 -8.94 -26.85 10.74
CA LYS D 92 -8.00 -27.68 10.03
C LYS D 92 -8.50 -27.85 8.63
N PHE D 93 -7.86 -27.17 7.71
CA PHE D 93 -8.23 -27.30 6.31
C PHE D 93 -7.11 -27.72 5.39
N LYS D 94 -7.48 -28.22 4.23
CA LYS D 94 -6.55 -28.39 3.15
C LYS D 94 -7.11 -27.76 1.84
N ARG D 95 -6.25 -27.14 1.06
CA ARG D 95 -6.60 -26.63 -0.25
C ARG D 95 -6.68 -27.89 -1.12
N THR D 96 -7.74 -28.08 -1.87
CA THR D 96 -7.83 -29.23 -2.75
C THR D 96 -6.79 -29.21 -3.89
N ASP D 97 -6.55 -28.03 -4.43
CA ASP D 97 -5.69 -27.88 -5.60
C ASP D 97 -4.31 -28.47 -5.38
N ASN D 98 -3.70 -28.19 -4.21
CA ASN D 98 -2.33 -28.62 -3.93
C ASN D 98 -2.13 -29.50 -2.68
N GLY D 99 -3.19 -29.68 -1.91
CA GLY D 99 -3.16 -30.49 -0.67
C GLY D 99 -2.53 -29.83 0.52
N ASN D 100 -2.12 -28.56 0.41
CA ASN D 100 -1.42 -27.91 1.50
C ASN D 100 -2.39 -27.55 2.59
N GLU D 101 -1.96 -27.72 3.84
CA GLU D 101 -2.83 -27.45 4.96
C GLU D 101 -2.92 -25.93 5.18
N LEU D 102 -4.12 -25.50 5.56
CA LEU D 102 -4.36 -24.16 6.08
C LEU D 102 -5.02 -24.38 7.42
N ASN D 103 -4.26 -24.11 8.47
CA ASN D 103 -4.72 -24.21 9.84
C ASN D 103 -5.10 -22.84 10.36
N THR D 104 -6.16 -22.78 11.14
CA THR D 104 -6.63 -21.52 11.67
C THR D 104 -7.15 -21.69 13.09
N VAL D 105 -7.12 -20.60 13.85
CA VAL D 105 -7.64 -20.56 15.17
C VAL D 105 -8.49 -19.32 15.31
N ARG D 106 -9.71 -19.44 15.83
CA ARG D 106 -10.44 -18.32 16.31
C ARG D 106 -10.46 -18.41 17.81
N GLU D 107 -10.06 -17.32 18.44
CA GLU D 107 -10.18 -17.20 19.87
C GLU D 107 -10.57 -15.79 20.31
N ILE D 108 -11.34 -15.65 21.38
CA ILE D 108 -11.64 -14.32 21.93
C ILE D 108 -10.53 -14.02 22.94
N ILE D 109 -9.81 -12.91 22.71
CA ILE D 109 -8.85 -12.33 23.64
C ILE D 109 -9.45 -10.97 24.06
N GLY D 110 -9.79 -10.89 25.34
CA GLY D 110 -10.52 -9.75 25.90
C GLY D 110 -11.81 -9.57 25.13
N ASP D 111 -11.88 -8.43 24.43
CA ASP D 111 -13.05 -7.91 23.72
C ASP D 111 -12.96 -8.22 22.22
N GLU D 112 -11.87 -8.83 21.80
CA GLU D 112 -11.52 -8.98 20.42
C GLU D 112 -11.45 -10.45 19.93
N LEU D 113 -11.93 -10.68 18.71
CA LEU D 113 -11.72 -11.96 17.99
C LEU D 113 -10.38 -11.97 17.25
N VAL D 114 -9.46 -12.80 17.71
CA VAL D 114 -8.18 -12.91 17.03
C VAL D 114 -8.27 -14.17 16.17
N GLN D 115 -8.15 -14.01 14.86
CA GLN D 115 -8.04 -15.18 14.00
C GLN D 115 -6.62 -15.33 13.51
N THR D 116 -6.03 -16.45 13.82
CA THR D 116 -4.68 -16.82 13.35
C THR D 116 -4.79 -17.68 12.09
N TYR D 117 -4.08 -17.33 11.04
CA TYR D 117 -4.00 -18.22 9.86
C TYR D 117 -2.56 -18.71 9.70
N VAL D 118 -2.44 -19.95 9.26
CA VAL D 118 -1.13 -20.51 9.09
C VAL D 118 -1.13 -21.33 7.84
N TYR D 119 -0.28 -20.93 6.90
CA TYR D 119 -0.12 -21.62 5.64
C TYR D 119 1.34 -21.76 5.19
N GLU D 120 1.77 -23.00 4.93
CA GLU D 120 3.14 -23.26 4.45
C GLU D 120 4.12 -22.46 5.30
N GLY D 121 3.90 -22.48 6.62
CA GLY D 121 4.77 -21.83 7.60
C GLY D 121 4.75 -20.31 7.79
N VAL D 122 3.98 -19.61 6.95
CA VAL D 122 3.71 -18.17 7.08
C VAL D 122 2.48 -17.98 7.97
N GLU D 123 2.64 -17.19 9.04
CA GLU D 123 1.56 -16.93 9.97
C GLU D 123 1.03 -15.51 9.85
N ALA D 124 -0.30 -15.37 9.86
CA ALA D 124 -0.98 -14.07 9.87
C ALA D 124 -2.01 -14.06 10.97
N LYS D 125 -2.40 -12.86 11.40
CA LYS D 125 -3.49 -12.67 12.34
C LYS D 125 -4.42 -11.60 11.81
N ARG D 126 -5.70 -11.80 12.01
CA ARG D 126 -6.69 -10.75 11.77
C ARG D 126 -7.49 -10.59 13.03
N ILE D 127 -7.53 -9.35 13.53
CA ILE D 127 -8.13 -9.02 14.79
C ILE D 127 -9.42 -8.23 14.52
N PHE D 128 -10.52 -8.67 15.13
CA PHE D 128 -11.82 -8.06 14.94
C PHE D 128 -12.29 -7.50 16.24
N LYS D 129 -12.90 -6.31 16.18
CA LYS D 129 -13.59 -5.68 17.32
C LYS D 129 -15.04 -5.88 17.07
N LYS D 130 -15.82 -5.92 18.13
CA LYS D 130 -17.26 -6.09 17.98
C LYS D 130 -17.88 -4.94 17.23
N ASP D 131 -18.71 -5.31 16.27
CA ASP D 131 -19.58 -4.41 15.51
C ASP D 131 -19.24 -2.93 15.73
#